data_6XCC
#
_entry.id   6XCC
#
_cell.length_a   50.411
_cell.length_b   66.692
_cell.length_c   64.909
_cell.angle_alpha   90.000
_cell.angle_beta   98.588
_cell.angle_gamma   90.000
#
_symmetry.space_group_name_H-M   'P 1 21 1'
#
loop_
_entity.id
_entity.type
_entity.pdbx_description
1 polymer 'Botulinum neurotoxin type A'
2 non-polymer 'ZINC ION'
3 non-polymer N-hydroxy-5-sulfanylpentanamide
4 water water
#
_entity_poly.entity_id   1
_entity_poly.type   'polypeptide(L)'
_entity_poly.pdbx_seq_one_letter_code
;HHHHHHSSGLVPRGSHMQFVNKQFNYKDPVNGVDIAYIKIPNVGQMQPVKAFKIHNKIWVIPERDTFTNPEEGDLNPPPE
AKQVPVSYYDSTYLSTDNEKDNYLKGVTKLFERIYSTDLGRMLLTSIVRGIPFWGGSTIDTELKVIDTNCINVIQPDGSY
RSEELNLVIIGPSADIIQFECKSFGHEVLNLTRNGYGSTQYIRFSPDFTFGFEESLEVDTNPLLGAGKFATDPAVTLAHE
LIHAGHRLYGIAINPNRVFKVNTNAYYEMSGLEVSFEELRTFGGHDAKFIDSLQENEFRLYYYNKFKDIASTLNKAKSIV
GTTASLQYMKNVFKEKYLLSEDTSGKFSVDKLKFDKLYKMLTEIYTEDNFVKFFKVLNRKTYLNFDKAVFKINIVPKVNY
TIYDGFNLRNTNLAANFNGQNTEINNMNFTKLKNFTGLFE
;
_entity_poly.pdbx_strand_id   A
#
loop_
_chem_comp.id
_chem_comp.type
_chem_comp.name
_chem_comp.formula
UZV non-polymer N-hydroxy-5-sulfanylpentanamide 'C5 H11 N O2 S'
ZN non-polymer 'ZINC ION' 'Zn 2'
#
# COMPACT_ATOMS: atom_id res chain seq x y z
N MET A 17 2.96 -7.08 -21.34
CA MET A 17 4.04 -6.88 -20.39
C MET A 17 3.96 -5.51 -19.73
N GLN A 18 2.79 -4.88 -19.76
CA GLN A 18 2.62 -3.52 -19.26
C GLN A 18 1.46 -3.48 -18.28
N PHE A 19 1.72 -3.04 -17.05
CA PHE A 19 0.64 -2.97 -16.06
C PHE A 19 -0.28 -1.79 -16.31
N VAL A 20 0.28 -0.66 -16.75
CA VAL A 20 -0.48 0.56 -17.02
C VAL A 20 -0.44 0.79 -18.52
N ASN A 21 -1.56 0.55 -19.19
CA ASN A 21 -1.52 0.53 -20.65
C ASN A 21 -1.53 1.91 -21.28
N LYS A 22 -1.84 2.96 -20.53
CA LYS A 22 -1.91 4.31 -21.08
C LYS A 22 -0.98 5.22 -20.31
N GLN A 23 -0.12 5.93 -21.02
CA GLN A 23 0.74 6.95 -20.42
C GLN A 23 -0.12 8.19 -20.25
N PHE A 24 -0.70 8.34 -19.06
CA PHE A 24 -1.57 9.46 -18.77
C PHE A 24 -0.76 10.75 -18.66
N ASN A 25 -1.39 11.84 -19.08
CA ASN A 25 -0.97 13.20 -18.80
C ASN A 25 -2.03 13.84 -17.90
N TYR A 26 -1.59 14.60 -16.90
CA TYR A 26 -2.53 15.12 -15.93
C TYR A 26 -3.59 15.98 -16.60
N LYS A 27 -3.22 16.66 -17.68
CA LYS A 27 -4.16 17.56 -18.34
C LYS A 27 -4.99 16.87 -19.42
N ASP A 28 -4.83 15.55 -19.60
CA ASP A 28 -5.70 14.81 -20.50
C ASP A 28 -7.17 15.10 -20.16
N PRO A 29 -8.03 15.25 -21.16
CA PRO A 29 -9.45 15.58 -20.88
C PRO A 29 -10.15 14.44 -20.15
N VAL A 30 -11.08 14.82 -19.27
CA VAL A 30 -11.90 13.83 -18.59
C VAL A 30 -12.73 13.07 -19.61
N ASN A 31 -12.99 11.80 -19.32
CA ASN A 31 -13.82 11.00 -20.20
C ASN A 31 -14.89 10.23 -19.45
N GLY A 32 -14.99 10.39 -18.13
CA GLY A 32 -15.95 9.63 -17.36
C GLY A 32 -15.69 8.15 -17.23
N VAL A 33 -14.59 7.62 -17.80
CA VAL A 33 -14.32 6.20 -17.63
C VAL A 33 -13.03 5.99 -16.83
N ASP A 34 -11.87 6.26 -17.44
CA ASP A 34 -10.61 6.10 -16.72
C ASP A 34 -9.91 7.43 -16.44
N ILE A 35 -10.42 8.55 -16.94
CA ILE A 35 -10.02 9.89 -16.49
C ILE A 35 -11.30 10.58 -16.07
N ALA A 36 -11.41 10.94 -14.80
CA ALA A 36 -12.70 11.40 -14.32
C ALA A 36 -12.55 12.19 -13.04
N TYR A 37 -13.55 13.04 -12.77
CA TYR A 37 -13.70 13.64 -11.46
C TYR A 37 -14.49 12.68 -10.59
N ILE A 38 -14.02 12.46 -9.37
CA ILE A 38 -14.61 11.46 -8.48
C ILE A 38 -14.78 12.05 -7.09
N LYS A 39 -15.71 11.46 -6.36
CA LYS A 39 -15.86 11.69 -4.93
C LYS A 39 -15.69 10.37 -4.22
N ILE A 40 -15.07 10.41 -3.05
CA ILE A 40 -14.91 9.18 -2.28
C ILE A 40 -16.09 9.14 -1.31
N PRO A 41 -16.60 7.95 -0.95
CA PRO A 41 -18.00 7.86 -0.48
C PRO A 41 -18.15 8.30 0.97
N ASN A 42 -19.21 9.05 1.22
CA ASN A 42 -19.66 9.37 2.57
C ASN A 42 -18.56 9.97 3.43
N VAL A 43 -17.82 10.89 2.85
CA VAL A 43 -16.69 11.51 3.55
C VAL A 43 -17.04 12.96 3.85
N GLY A 44 -18.00 13.16 4.73
CA GLY A 44 -18.54 14.46 4.99
C GLY A 44 -19.02 15.05 3.69
N GLN A 45 -18.32 16.09 3.24
CA GLN A 45 -18.60 16.70 1.95
C GLN A 45 -17.31 17.22 1.34
N MET A 46 -17.08 16.89 0.07
CA MET A 46 -15.89 17.28 -0.65
C MET A 46 -16.25 17.72 -2.06
N GLN A 47 -15.33 18.46 -2.67
CA GLN A 47 -15.34 18.75 -4.10
C GLN A 47 -14.71 17.61 -4.87
N PRO A 48 -15.26 17.23 -6.02
CA PRO A 48 -14.67 16.14 -6.81
C PRO A 48 -13.24 16.46 -7.21
N VAL A 49 -12.42 15.41 -7.29
CA VAL A 49 -11.02 15.56 -7.68
C VAL A 49 -10.76 14.74 -8.92
N LYS A 50 -9.84 15.23 -9.75
CA LYS A 50 -9.45 14.52 -10.97
C LYS A 50 -8.67 13.26 -10.58
N ALA A 51 -9.07 12.12 -11.14
CA ALA A 51 -8.50 10.82 -10.80
C ALA A 51 -8.30 10.01 -12.08
N PHE A 52 -7.40 9.02 -12.00
CA PHE A 52 -6.93 8.30 -13.18
C PHE A 52 -6.93 6.82 -12.86
N LYS A 53 -7.70 6.04 -13.61
CA LYS A 53 -7.72 4.59 -13.46
C LYS A 53 -6.56 4.01 -14.25
N ILE A 54 -5.52 3.56 -13.57
CA ILE A 54 -4.31 3.09 -14.27
C ILE A 54 -4.38 1.59 -14.56
N HIS A 55 -5.26 0.87 -13.89
CA HIS A 55 -5.43 -0.54 -14.12
C HIS A 55 -6.80 -0.89 -13.57
N ASN A 56 -7.37 -1.98 -14.06
CA ASN A 56 -8.59 -2.53 -13.46
C ASN A 56 -8.48 -2.52 -11.93
N LYS A 57 -9.44 -1.87 -11.28
CA LYS A 57 -9.61 -1.81 -9.83
C LYS A 57 -8.61 -0.88 -9.12
N ILE A 58 -7.71 -0.19 -9.83
CA ILE A 58 -6.69 0.64 -9.19
C ILE A 58 -6.75 2.04 -9.78
N TRP A 59 -6.90 3.05 -8.91
CA TRP A 59 -6.98 4.47 -9.28
C TRP A 59 -5.87 5.27 -8.61
N VAL A 60 -5.49 6.39 -9.24
CA VAL A 60 -4.47 7.30 -8.73
C VAL A 60 -5.09 8.70 -8.64
N ILE A 61 -5.01 9.32 -7.47
CA ILE A 61 -5.48 10.67 -7.25
C ILE A 61 -4.26 11.53 -6.92
N PRO A 62 -3.78 12.34 -7.89
CA PRO A 62 -2.57 13.16 -7.63
C PRO A 62 -2.90 14.41 -6.83
N GLU A 63 -3.43 14.20 -5.63
CA GLU A 63 -3.76 15.31 -4.75
C GLU A 63 -3.23 15.01 -3.36
N ARG A 64 -2.96 16.07 -2.60
CA ARG A 64 -2.73 15.87 -1.18
C ARG A 64 -4.01 15.37 -0.53
N ASP A 65 -3.87 14.39 0.36
CA ASP A 65 -5.03 13.75 0.97
C ASP A 65 -5.54 14.61 2.11
N THR A 66 -6.48 15.50 1.77
CA THR A 66 -7.26 16.23 2.75
C THR A 66 -8.68 15.68 2.88
N PHE A 67 -8.91 14.44 2.45
CA PHE A 67 -10.27 13.91 2.41
C PHE A 67 -10.48 12.72 3.35
N THR A 68 -9.60 11.71 3.33
CA THR A 68 -9.93 10.44 4.00
C THR A 68 -10.09 10.62 5.51
N ASN A 69 -9.45 11.61 6.12
CA ASN A 69 -9.59 11.84 7.55
C ASN A 69 -10.09 13.27 7.77
N PRO A 70 -11.29 13.47 8.33
CA PRO A 70 -11.74 14.84 8.61
C PRO A 70 -10.85 15.59 9.58
N GLU A 71 -10.12 14.88 10.43
CA GLU A 71 -9.16 15.49 11.35
C GLU A 71 -7.93 16.02 10.64
N GLU A 72 -7.69 15.64 9.38
CA GLU A 72 -6.50 16.03 8.63
C GLU A 72 -6.95 16.73 7.35
N GLY A 73 -7.14 18.05 7.43
CA GLY A 73 -7.53 18.85 6.29
C GLY A 73 -6.58 20.02 6.05
N ASP A 74 -5.81 20.36 7.06
CA ASP A 74 -4.80 21.42 6.96
C ASP A 74 -3.45 20.82 6.64
N LEU A 75 -2.73 21.46 5.72
CA LEU A 75 -1.46 20.93 5.22
C LEU A 75 -0.23 21.53 5.89
N ASN A 76 -0.38 22.35 6.92
CA ASN A 76 0.81 22.82 7.63
C ASN A 76 0.77 22.31 9.08
N PRO A 77 1.89 22.34 9.81
CA PRO A 77 2.05 21.44 10.99
C PRO A 77 0.98 21.70 12.04
N PRO A 78 0.69 20.68 12.87
CA PRO A 78 -0.23 20.87 13.99
C PRO A 78 0.36 21.82 15.02
N PRO A 79 -0.30 22.02 16.16
CA PRO A 79 0.37 22.72 17.27
C PRO A 79 1.49 21.88 17.90
N GLU A 80 2.16 21.07 17.08
CA GLU A 80 3.22 20.17 17.50
C GLU A 80 2.83 19.35 18.74
N ALA A 81 1.56 18.97 18.82
CA ALA A 81 1.12 18.11 19.91
C ALA A 81 1.66 16.70 19.74
N LYS A 82 1.61 16.19 18.50
CA LYS A 82 2.15 14.87 18.20
C LYS A 82 3.27 15.02 17.18
N GLN A 83 4.22 15.92 17.44
CA GLN A 83 5.26 16.22 16.48
C GLN A 83 6.32 15.13 16.53
N VAL A 84 6.33 14.28 15.50
CA VAL A 84 7.42 13.33 15.32
C VAL A 84 8.62 14.07 14.76
N PRO A 85 9.82 13.93 15.34
CA PRO A 85 10.99 14.57 14.72
C PRO A 85 11.29 14.03 13.33
N VAL A 86 10.89 12.78 13.05
CA VAL A 86 10.93 12.23 11.71
C VAL A 86 9.63 12.65 11.01
N SER A 87 9.66 13.82 10.37
CA SER A 87 8.51 14.40 9.72
C SER A 87 9.00 15.47 8.76
N TYR A 88 8.18 15.78 7.75
CA TYR A 88 8.56 16.82 6.82
C TYR A 88 7.30 17.48 6.27
N TYR A 89 7.26 18.80 6.34
CA TYR A 89 6.09 19.57 5.95
C TYR A 89 6.43 20.52 4.82
N ASP A 90 5.50 20.61 3.84
CA ASP A 90 5.58 21.60 2.77
C ASP A 90 4.16 21.74 2.22
N SER A 91 3.48 22.81 2.63
CA SER A 91 2.09 23.00 2.25
C SER A 91 1.93 23.12 0.75
N THR A 92 2.97 23.52 0.02
CA THR A 92 2.84 23.78 -1.41
C THR A 92 3.08 22.56 -2.28
N TYR A 93 3.63 21.49 -1.72
CA TYR A 93 3.95 20.35 -2.56
C TYR A 93 2.67 19.77 -3.16
N LEU A 94 2.71 19.51 -4.46
CA LEU A 94 1.62 18.85 -5.19
C LEU A 94 0.41 19.76 -5.30
N SER A 95 0.65 21.07 -5.42
CA SER A 95 -0.42 22.04 -5.61
C SER A 95 -0.55 22.51 -7.06
N THR A 96 0.41 22.21 -7.92
CA THR A 96 0.39 22.70 -9.30
C THR A 96 0.22 21.56 -10.28
N ASP A 97 -0.23 21.93 -11.48
CA ASP A 97 -0.52 20.93 -12.53
C ASP A 97 0.75 20.18 -12.95
N ASN A 98 1.87 20.89 -13.05
CA ASN A 98 3.13 20.24 -13.42
C ASN A 98 3.54 19.18 -12.39
N GLU A 99 3.38 19.49 -11.10
CA GLU A 99 3.68 18.52 -10.04
C GLU A 99 2.75 17.33 -10.11
N LYS A 100 1.48 17.57 -10.39
CA LYS A 100 0.51 16.48 -10.45
C LYS A 100 0.78 15.59 -11.67
N ASP A 101 1.19 16.20 -12.77
CA ASP A 101 1.63 15.44 -13.93
C ASP A 101 2.83 14.57 -13.59
N ASN A 102 3.79 15.13 -12.86
CA ASN A 102 4.97 14.39 -12.52
C ASN A 102 4.70 13.32 -11.47
N TYR A 103 3.78 13.59 -10.54
CA TYR A 103 3.37 12.56 -9.56
C TYR A 103 2.74 11.38 -10.28
N LEU A 104 1.87 11.65 -11.25
CA LEU A 104 1.18 10.58 -11.97
C LEU A 104 2.16 9.72 -12.76
N LYS A 105 3.08 10.34 -13.51
CA LYS A 105 4.09 9.57 -14.23
C LYS A 105 5.02 8.81 -13.26
N GLY A 106 5.38 9.43 -12.14
CA GLY A 106 6.22 8.73 -11.17
C GLY A 106 5.56 7.48 -10.61
N VAL A 107 4.30 7.62 -10.21
CA VAL A 107 3.59 6.49 -9.64
C VAL A 107 3.39 5.39 -10.68
N THR A 108 3.05 5.74 -11.92
CA THR A 108 2.89 4.70 -12.95
C THR A 108 4.22 4.00 -13.25
N LYS A 109 5.32 4.75 -13.24
CA LYS A 109 6.63 4.14 -13.47
C LYS A 109 6.99 3.16 -12.36
N LEU A 110 6.66 3.48 -11.09
CA LEU A 110 6.95 2.55 -10.00
C LEU A 110 6.08 1.29 -10.08
N PHE A 111 4.84 1.42 -10.54
CA PHE A 111 4.01 0.24 -10.76
C PHE A 111 4.59 -0.63 -11.85
N GLU A 112 5.15 -0.02 -12.90
CA GLU A 112 5.78 -0.84 -13.94
C GLU A 112 7.04 -1.52 -13.42
N ARG A 113 7.83 -0.81 -12.60
CA ARG A 113 9.02 -1.42 -12.00
C ARG A 113 8.63 -2.63 -11.16
N ILE A 114 7.60 -2.49 -10.34
CA ILE A 114 7.15 -3.61 -9.52
C ILE A 114 6.66 -4.76 -10.41
N TYR A 115 5.87 -4.43 -11.42
CA TYR A 115 5.30 -5.43 -12.31
C TYR A 115 6.33 -6.11 -13.19
N SER A 116 7.50 -5.49 -13.36
CA SER A 116 8.57 -6.09 -14.16
C SER A 116 9.27 -7.24 -13.46
N THR A 117 9.03 -7.46 -12.16
CA THR A 117 9.58 -8.59 -11.44
C THR A 117 8.51 -9.67 -11.29
N ASP A 118 8.96 -10.93 -11.16
CA ASP A 118 7.98 -12.00 -10.97
C ASP A 118 7.20 -11.80 -9.69
N LEU A 119 7.88 -11.36 -8.63
CA LEU A 119 7.21 -11.21 -7.34
C LEU A 119 6.17 -10.10 -7.39
N GLY A 120 6.49 -8.99 -8.06
CA GLY A 120 5.56 -7.88 -8.12
C GLY A 120 4.38 -8.16 -9.05
N ARG A 121 4.63 -8.89 -10.13
CA ARG A 121 3.51 -9.41 -10.93
C ARG A 121 2.58 -10.26 -10.08
N MET A 122 3.13 -11.13 -9.23
CA MET A 122 2.29 -11.95 -8.37
C MET A 122 1.53 -11.11 -7.36
N LEU A 123 2.21 -10.13 -6.75
CA LEU A 123 1.58 -9.29 -5.73
C LEU A 123 0.46 -8.46 -6.33
N LEU A 124 0.72 -7.80 -7.46
CA LEU A 124 -0.32 -7.00 -8.11
C LEU A 124 -1.47 -7.85 -8.61
N THR A 125 -1.20 -9.10 -9.01
CA THR A 125 -2.31 -9.97 -9.38
C THR A 125 -3.18 -10.28 -8.18
N SER A 126 -2.56 -10.62 -7.04
CA SER A 126 -3.30 -10.80 -5.80
C SER A 126 -4.12 -9.58 -5.45
N ILE A 127 -3.61 -8.38 -5.73
CA ILE A 127 -4.33 -7.20 -5.30
C ILE A 127 -5.56 -6.98 -6.18
N VAL A 128 -5.40 -7.18 -7.49
CA VAL A 128 -6.54 -6.98 -8.39
C VAL A 128 -7.64 -8.01 -8.10
N ARG A 129 -7.25 -9.25 -7.80
CA ARG A 129 -8.25 -10.24 -7.43
C ARG A 129 -8.80 -10.05 -6.03
N GLY A 130 -8.22 -9.15 -5.23
CA GLY A 130 -8.58 -9.06 -3.84
C GLY A 130 -9.79 -8.18 -3.60
N ILE A 131 -10.87 -8.45 -4.34
CA ILE A 131 -12.04 -7.57 -4.31
C ILE A 131 -12.68 -7.62 -2.91
N PRO A 132 -12.92 -6.48 -2.27
CA PRO A 132 -13.53 -6.49 -0.94
C PRO A 132 -14.86 -7.23 -0.93
N PHE A 133 -15.06 -8.04 0.11
CA PHE A 133 -16.18 -8.97 0.16
C PHE A 133 -17.52 -8.24 0.23
N TRP A 134 -18.55 -8.88 -0.35
CA TRP A 134 -19.92 -8.33 -0.40
C TRP A 134 -20.69 -8.76 0.85
N GLY A 135 -20.33 -8.15 1.97
CA GLY A 135 -20.90 -8.55 3.25
C GLY A 135 -21.73 -7.47 3.88
N GLY A 136 -22.39 -6.66 3.05
CA GLY A 136 -23.19 -5.56 3.57
C GLY A 136 -24.59 -5.91 3.98
N SER A 137 -25.11 -7.05 3.51
CA SER A 137 -26.50 -7.42 3.75
C SER A 137 -26.79 -7.58 5.23
N THR A 138 -28.05 -7.33 5.59
CA THR A 138 -28.57 -7.70 6.91
C THR A 138 -29.36 -8.99 6.87
N ILE A 139 -29.74 -9.46 5.69
CA ILE A 139 -30.43 -10.73 5.50
C ILE A 139 -29.41 -11.76 5.06
N ASP A 140 -29.38 -12.92 5.76
CA ASP A 140 -28.40 -13.95 5.45
C ASP A 140 -28.56 -14.49 4.04
N THR A 141 -29.76 -14.42 3.48
CA THR A 141 -30.06 -15.02 2.20
C THR A 141 -29.69 -14.15 1.01
N GLU A 142 -29.09 -12.98 1.24
CA GLU A 142 -28.84 -12.01 0.18
C GLU A 142 -27.42 -11.48 0.25
N LEU A 143 -26.77 -11.38 -0.91
CA LEU A 143 -25.40 -10.88 -1.04
C LEU A 143 -25.44 -9.43 -1.52
N LYS A 144 -24.76 -8.54 -0.78
CA LYS A 144 -24.85 -7.11 -1.08
C LYS A 144 -23.52 -6.42 -0.80
N VAL A 145 -23.18 -5.46 -1.68
CA VAL A 145 -21.91 -4.72 -1.61
C VAL A 145 -21.88 -3.81 -0.38
N ILE A 146 -20.67 -3.51 0.08
CA ILE A 146 -20.46 -2.56 1.17
C ILE A 146 -20.10 -1.20 0.56
N ASP A 147 -20.89 -0.19 0.90
CA ASP A 147 -20.86 1.13 0.24
C ASP A 147 -19.47 1.73 0.20
N THR A 148 -18.75 1.66 1.31
CA THR A 148 -17.47 2.33 1.44
C THR A 148 -16.36 1.70 0.61
N ASN A 149 -16.65 0.64 -0.14
CA ASN A 149 -15.68 0.04 -1.05
C ASN A 149 -15.86 0.52 -2.49
N CYS A 150 -16.48 1.69 -2.70
CA CYS A 150 -16.70 2.24 -4.03
C CYS A 150 -16.27 3.69 -4.06
N ILE A 151 -16.22 4.25 -5.27
CA ILE A 151 -16.10 5.68 -5.46
C ILE A 151 -17.24 6.12 -6.37
N ASN A 152 -17.51 7.42 -6.39
CA ASN A 152 -18.54 7.97 -7.26
C ASN A 152 -17.88 8.70 -8.43
N VAL A 153 -18.13 8.22 -9.64
CA VAL A 153 -17.48 8.73 -10.85
C VAL A 153 -18.47 9.63 -11.58
N ILE A 154 -18.08 10.88 -11.85
CA ILE A 154 -18.91 11.76 -12.67
C ILE A 154 -18.81 11.31 -14.12
N GLN A 155 -19.97 11.03 -14.73
CA GLN A 155 -20.13 10.56 -16.10
C GLN A 155 -20.17 11.73 -17.08
N PRO A 156 -19.98 11.46 -18.39
CA PRO A 156 -19.98 12.55 -19.39
C PRO A 156 -21.24 13.41 -19.38
N ASP A 157 -22.34 12.86 -18.87
CA ASP A 157 -23.58 13.61 -18.76
C ASP A 157 -23.72 14.30 -17.40
N GLY A 158 -22.68 14.26 -16.56
CA GLY A 158 -22.68 14.99 -15.31
C GLY A 158 -23.29 14.29 -14.13
N SER A 159 -23.79 13.07 -14.29
CA SER A 159 -24.34 12.31 -13.19
C SER A 159 -23.27 11.42 -12.57
N TYR A 160 -23.51 11.00 -11.34
CA TYR A 160 -22.61 10.10 -10.63
C TYR A 160 -23.01 8.65 -10.88
N ARG A 161 -22.01 7.78 -10.99
CA ARG A 161 -22.22 6.33 -10.97
C ARG A 161 -21.19 5.73 -10.03
N SER A 162 -21.63 4.75 -9.26
CA SER A 162 -20.78 4.13 -8.26
C SER A 162 -19.96 3.02 -8.90
N GLU A 163 -18.68 2.96 -8.53
CA GLU A 163 -17.77 1.95 -9.08
C GLU A 163 -16.99 1.33 -7.93
N GLU A 164 -17.06 0.00 -7.82
CA GLU A 164 -16.21 -0.73 -6.89
C GLU A 164 -14.75 -0.58 -7.29
N LEU A 165 -13.87 -0.60 -6.29
CA LEU A 165 -12.44 -0.52 -6.59
C LEU A 165 -11.69 -1.09 -5.40
N ASN A 166 -10.44 -1.48 -5.65
CA ASN A 166 -9.64 -2.09 -4.58
C ASN A 166 -8.62 -1.15 -3.97
N LEU A 167 -8.03 -0.25 -4.76
CA LEU A 167 -6.85 0.50 -4.31
C LEU A 167 -6.83 1.88 -4.94
N VAL A 168 -6.50 2.87 -4.12
CA VAL A 168 -6.27 4.25 -4.54
C VAL A 168 -4.90 4.66 -4.03
N ILE A 169 -4.04 5.15 -4.93
CA ILE A 169 -2.83 5.86 -4.53
C ILE A 169 -3.17 7.35 -4.46
N ILE A 170 -2.89 7.97 -3.31
CA ILE A 170 -3.17 9.39 -3.12
C ILE A 170 -1.93 10.04 -2.53
N GLY A 171 -1.81 11.35 -2.70
CA GLY A 171 -0.68 12.07 -2.17
C GLY A 171 -0.80 12.20 -0.66
N PRO A 172 0.31 12.51 0.01
CA PRO A 172 0.31 12.53 1.47
C PRO A 172 -0.51 13.69 2.02
N SER A 173 -0.88 13.56 3.29
CA SER A 173 -1.51 14.68 4.00
C SER A 173 -0.46 15.69 4.44
N ALA A 174 -0.68 16.36 5.58
CA ALA A 174 0.23 17.39 6.08
C ALA A 174 1.67 16.91 6.16
N ASP A 175 1.88 15.74 6.79
CA ASP A 175 3.23 15.19 6.91
C ASP A 175 3.55 14.45 5.62
N ILE A 176 4.48 15.01 4.84
CA ILE A 176 4.73 14.48 3.51
C ILE A 176 5.25 13.04 3.58
N ILE A 177 6.04 12.72 4.62
CA ILE A 177 6.70 11.43 4.64
C ILE A 177 5.97 10.42 5.53
N GLN A 178 4.75 10.71 5.96
CA GLN A 178 3.99 9.71 6.67
C GLN A 178 3.06 9.05 5.66
N PHE A 179 3.63 8.08 4.97
CA PHE A 179 2.84 7.22 4.10
C PHE A 179 1.99 6.33 4.99
N GLU A 180 0.68 6.43 4.84
CA GLU A 180 -0.25 5.68 5.67
C GLU A 180 -1.25 4.97 4.79
N CYS A 181 -1.76 3.83 5.28
N CYS A 181 -1.70 3.80 5.24
CA CYS A 181 -2.86 3.12 4.65
CA CYS A 181 -2.87 3.17 4.66
C CYS A 181 -4.17 3.53 5.31
C CYS A 181 -4.11 3.74 5.32
N LYS A 182 -5.12 4.00 4.51
CA LYS A 182 -6.40 4.48 5.02
C LYS A 182 -7.48 3.65 4.35
N SER A 183 -8.42 3.17 5.16
CA SER A 183 -9.61 2.55 4.62
C SER A 183 -10.78 2.89 5.51
N PHE A 184 -11.96 2.91 4.92
CA PHE A 184 -13.15 3.33 5.65
C PHE A 184 -13.69 2.14 6.42
N GLY A 185 -13.98 2.38 7.69
CA GLY A 185 -14.40 1.33 8.59
C GLY A 185 -15.87 1.04 8.48
N HIS A 186 -16.28 0.05 9.25
CA HIS A 186 -17.67 -0.34 9.35
C HIS A 186 -18.14 -0.13 10.79
N GLU A 187 -19.46 -0.01 10.95
CA GLU A 187 -20.04 0.20 12.28
C GLU A 187 -19.76 -0.98 13.20
N VAL A 188 -19.77 -2.21 12.67
CA VAL A 188 -19.56 -3.41 13.47
C VAL A 188 -18.41 -4.27 12.95
N LEU A 189 -18.22 -4.32 11.63
CA LEU A 189 -17.25 -5.23 11.04
C LEU A 189 -15.87 -4.59 10.99
N ASN A 190 -14.85 -5.37 11.32
CA ASN A 190 -13.46 -4.94 11.15
C ASN A 190 -12.97 -5.55 9.85
N LEU A 191 -13.12 -4.77 8.78
CA LEU A 191 -13.01 -5.29 7.42
C LEU A 191 -11.58 -5.71 7.07
N THR A 192 -10.58 -5.07 7.65
CA THR A 192 -9.20 -5.43 7.34
C THR A 192 -8.71 -6.60 8.17
N ARG A 193 -9.53 -7.10 9.10
CA ARG A 193 -9.12 -8.18 9.99
C ARG A 193 -10.12 -9.32 10.07
N ASN A 194 -11.21 -9.28 9.31
CA ASN A 194 -12.22 -10.34 9.38
C ASN A 194 -12.30 -11.16 8.09
N GLY A 195 -11.29 -11.06 7.23
CA GLY A 195 -11.30 -11.78 5.97
C GLY A 195 -12.03 -11.08 4.84
N TYR A 196 -12.80 -10.02 5.11
CA TYR A 196 -13.62 -9.37 4.09
C TYR A 196 -12.78 -8.52 3.14
N GLY A 197 -11.93 -7.66 3.70
CA GLY A 197 -11.20 -6.70 2.90
C GLY A 197 -11.97 -5.41 2.70
N SER A 198 -11.25 -4.36 2.34
CA SER A 198 -11.87 -3.06 2.07
C SER A 198 -10.95 -2.28 1.16
N THR A 199 -11.54 -1.33 0.45
CA THR A 199 -10.77 -0.49 -0.46
C THR A 199 -9.69 0.25 0.32
N GLN A 200 -8.47 0.26 -0.23
CA GLN A 200 -7.30 0.76 0.48
C GLN A 200 -6.83 2.05 -0.18
N TYR A 201 -6.66 3.10 0.63
CA TYR A 201 -6.10 4.38 0.19
C TYR A 201 -4.71 4.49 0.77
N ILE A 202 -3.70 4.47 -0.10
CA ILE A 202 -2.29 4.56 0.30
C ILE A 202 -1.83 6.00 0.09
N ARG A 203 -1.46 6.70 1.16
CA ARG A 203 -0.76 7.97 0.99
C ARG A 203 0.67 7.67 0.58
N PHE A 204 1.13 8.29 -0.49
CA PHE A 204 2.44 7.91 -1.01
C PHE A 204 2.92 9.02 -1.94
N SER A 205 4.24 9.20 -2.01
CA SER A 205 4.78 10.12 -2.96
C SER A 205 6.01 9.52 -3.63
N PRO A 206 6.12 9.62 -4.95
CA PRO A 206 7.35 9.21 -5.64
C PRO A 206 8.40 10.30 -5.71
N ASP A 207 8.13 11.46 -5.10
CA ASP A 207 8.96 12.66 -5.26
C ASP A 207 9.95 12.85 -4.12
N PHE A 208 9.95 11.96 -3.12
CA PHE A 208 10.85 12.01 -1.99
C PHE A 208 11.31 10.59 -1.70
N THR A 209 12.46 10.44 -1.05
CA THR A 209 12.85 9.12 -0.55
C THR A 209 13.75 9.31 0.67
N PHE A 210 14.08 8.20 1.32
CA PHE A 210 14.76 8.23 2.60
C PHE A 210 16.20 7.74 2.47
N GLY A 211 17.07 8.30 3.29
CA GLY A 211 18.43 7.81 3.39
C GLY A 211 18.54 6.72 4.45
N PHE A 212 19.47 5.80 4.22
CA PHE A 212 19.80 4.80 5.21
C PHE A 212 21.31 4.58 5.22
N GLU A 213 21.80 3.87 6.22
CA GLU A 213 23.23 3.61 6.34
C GLU A 213 23.55 2.15 5.99
N GLU A 214 24.60 1.99 5.20
CA GLU A 214 25.00 0.70 4.65
C GLU A 214 25.58 -0.26 5.69
N SER A 215 25.99 0.22 6.87
CA SER A 215 26.46 -0.63 7.95
C SER A 215 25.38 -0.78 9.01
N LEU A 216 25.04 -2.03 9.35
CA LEU A 216 23.93 -2.30 10.27
C LEU A 216 24.15 -1.59 11.60
N GLU A 217 25.39 -1.59 12.08
CA GLU A 217 25.71 -0.95 13.36
C GLU A 217 25.42 0.54 13.33
N VAL A 218 25.66 1.19 12.20
CA VAL A 218 25.36 2.62 12.05
C VAL A 218 23.88 2.84 11.79
N ASP A 219 23.27 2.01 10.94
CA ASP A 219 21.86 2.22 10.59
C ASP A 219 20.96 2.09 11.82
N THR A 220 21.27 1.14 12.72
CA THR A 220 20.42 0.89 13.88
C THR A 220 20.84 1.73 15.09
N ASN A 221 21.75 2.65 14.90
CA ASN A 221 22.15 3.56 15.97
C ASN A 221 21.56 4.94 15.72
N PRO A 222 20.85 5.54 16.68
CA PRO A 222 20.16 6.81 16.38
C PRO A 222 21.08 8.02 16.28
N LEU A 223 22.34 7.91 16.72
CA LEU A 223 23.24 9.06 16.77
C LEU A 223 24.19 9.17 15.58
N LEU A 224 24.20 8.18 14.67
CA LEU A 224 25.27 8.03 13.69
C LEU A 224 24.73 7.99 12.27
N GLY A 225 25.47 8.61 11.35
CA GLY A 225 25.21 8.50 9.94
C GLY A 225 24.33 9.63 9.41
N ALA A 226 24.59 10.08 8.19
CA ALA A 226 23.79 11.12 7.57
C ALA A 226 22.79 10.59 6.55
N GLY A 227 22.79 9.29 6.27
CA GLY A 227 21.91 8.78 5.22
C GLY A 227 22.58 8.73 3.86
N LYS A 228 23.71 8.00 3.78
CA LYS A 228 24.51 7.98 2.55
C LYS A 228 23.76 7.36 1.37
N PHE A 229 22.99 6.30 1.60
CA PHE A 229 22.31 5.61 0.51
C PHE A 229 20.82 5.91 0.51
N ALA A 230 20.25 6.04 -0.69
CA ALA A 230 18.84 6.36 -0.84
C ALA A 230 18.04 5.07 -1.04
N THR A 231 16.96 4.91 -0.27
CA THR A 231 15.98 3.87 -0.52
C THR A 231 15.36 4.02 -1.91
N ASP A 232 15.29 2.91 -2.65
CA ASP A 232 14.57 2.89 -3.96
C ASP A 232 13.07 3.03 -3.71
N PRO A 233 12.39 4.07 -4.22
CA PRO A 233 10.97 4.24 -3.89
C PRO A 233 10.09 3.12 -4.41
N ALA A 234 10.56 2.32 -5.35
CA ALA A 234 9.82 1.12 -5.75
C ALA A 234 9.69 0.16 -4.58
N VAL A 235 10.73 0.10 -3.72
CA VAL A 235 10.67 -0.77 -2.55
C VAL A 235 9.66 -0.23 -1.56
N THR A 236 9.66 1.09 -1.37
CA THR A 236 8.72 1.73 -0.46
C THR A 236 7.28 1.51 -0.90
N LEU A 237 7.01 1.67 -2.21
CA LEU A 237 5.64 1.43 -2.69
C LEU A 237 5.27 -0.04 -2.52
N ALA A 238 6.18 -0.94 -2.91
CA ALA A 238 5.90 -2.37 -2.75
C ALA A 238 5.57 -2.70 -1.30
N HIS A 239 6.30 -2.08 -0.36
CA HIS A 239 6.02 -2.26 1.06
C HIS A 239 4.59 -1.85 1.39
N GLU A 240 4.16 -0.65 0.94
CA GLU A 240 2.78 -0.25 1.18
C GLU A 240 1.79 -1.19 0.51
N LEU A 241 2.10 -1.66 -0.69
CA LEU A 241 1.17 -2.57 -1.37
C LEU A 241 1.10 -3.92 -0.67
N ILE A 242 2.14 -4.31 0.07
CA ILE A 242 2.07 -5.55 0.84
C ILE A 242 1.03 -5.43 1.95
N HIS A 243 1.08 -4.31 2.70
CA HIS A 243 0.02 -4.00 3.66
C HIS A 243 -1.36 -4.02 2.98
N ALA A 244 -1.45 -3.39 1.80
CA ALA A 244 -2.73 -3.30 1.12
C ALA A 244 -3.25 -4.69 0.76
N GLY A 245 -2.33 -5.59 0.42
CA GLY A 245 -2.68 -6.97 0.20
C GLY A 245 -3.24 -7.64 1.44
N HIS A 246 -2.57 -7.46 2.59
CA HIS A 246 -3.11 -8.03 3.83
C HIS A 246 -4.50 -7.49 4.10
N ARG A 247 -4.68 -6.19 3.92
CA ARG A 247 -5.92 -5.55 4.30
C ARG A 247 -7.04 -5.89 3.32
N LEU A 248 -6.72 -6.07 2.04
CA LEU A 248 -7.72 -6.45 1.05
C LEU A 248 -8.19 -7.88 1.23
N TYR A 249 -7.37 -8.74 1.83
CA TYR A 249 -7.76 -10.09 2.15
C TYR A 249 -8.25 -10.21 3.58
N GLY A 250 -8.32 -9.10 4.29
CA GLY A 250 -8.85 -9.11 5.65
C GLY A 250 -7.99 -9.85 6.64
N ILE A 251 -6.68 -9.90 6.43
CA ILE A 251 -5.79 -10.67 7.30
C ILE A 251 -4.69 -9.80 7.92
N ALA A 252 -4.90 -8.48 7.99
CA ALA A 252 -3.95 -7.63 8.70
C ALA A 252 -3.96 -7.95 10.19
N ILE A 253 -2.78 -7.85 10.81
CA ILE A 253 -2.66 -8.10 12.25
C ILE A 253 -3.00 -6.82 12.99
N ASN A 254 -3.90 -6.92 13.99
CA ASN A 254 -4.26 -5.82 14.89
C ASN A 254 -3.02 -5.02 15.29
N PRO A 255 -3.03 -3.70 15.12
CA PRO A 255 -1.81 -2.90 15.38
C PRO A 255 -1.36 -2.87 16.84
N ASN A 256 -2.21 -3.28 17.78
CA ASN A 256 -1.77 -3.37 19.17
C ASN A 256 -1.23 -4.74 19.53
N ARG A 257 -1.07 -5.63 18.55
CA ARG A 257 -0.17 -6.77 18.70
C ARG A 257 1.22 -6.32 18.27
N VAL A 258 2.11 -6.13 19.25
CA VAL A 258 3.37 -5.43 19.04
C VAL A 258 4.51 -6.24 19.63
N PHE A 259 5.70 -6.00 19.10
CA PHE A 259 6.94 -6.56 19.63
C PHE A 259 7.58 -5.50 20.52
N LYS A 260 7.73 -5.82 21.81
CA LYS A 260 8.48 -5.00 22.76
C LYS A 260 9.95 -5.17 22.40
N VAL A 261 10.47 -4.25 21.59
CA VAL A 261 11.79 -4.42 21.00
C VAL A 261 12.80 -4.60 22.13
N ASN A 262 13.32 -5.81 22.27
CA ASN A 262 14.30 -6.16 23.28
C ASN A 262 15.66 -6.44 22.67
N THR A 263 15.85 -6.15 21.38
CA THR A 263 17.07 -6.43 20.64
C THR A 263 17.84 -5.17 20.25
N ASN A 264 17.37 -4.02 20.68
CA ASN A 264 18.03 -2.74 20.39
C ASN A 264 18.00 -1.92 21.67
N ALA A 265 19.19 -1.61 22.21
CA ALA A 265 19.27 -0.86 23.47
C ALA A 265 18.63 0.51 23.35
N TYR A 266 18.73 1.15 22.18
CA TYR A 266 18.12 2.46 22.01
C TYR A 266 16.60 2.36 21.89
N TYR A 267 16.11 1.33 21.20
CA TYR A 267 14.67 1.13 21.08
C TYR A 267 14.02 0.94 22.44
N GLU A 268 14.66 0.17 23.34
CA GLU A 268 14.03 -0.17 24.62
C GLU A 268 14.29 0.88 25.70
N MET A 269 15.36 1.66 25.59
CA MET A 269 15.54 2.79 26.49
C MET A 269 14.39 3.78 26.35
N SER A 270 13.95 4.06 25.12
CA SER A 270 12.63 4.61 24.92
C SER A 270 11.61 3.48 24.89
N GLY A 271 10.33 3.82 24.93
CA GLY A 271 9.36 2.74 25.03
C GLY A 271 8.90 2.17 23.71
N LEU A 272 9.84 1.87 22.82
CA LEU A 272 9.52 1.67 21.40
C LEU A 272 9.07 0.24 21.16
N GLU A 273 7.82 0.10 20.72
CA GLU A 273 7.25 -1.17 20.30
C GLU A 273 6.92 -1.06 18.81
N VAL A 274 7.05 -2.19 18.11
CA VAL A 274 6.83 -2.25 16.66
C VAL A 274 5.78 -3.30 16.39
N SER A 275 4.81 -2.97 15.54
CA SER A 275 3.68 -3.87 15.32
C SER A 275 4.13 -5.14 14.60
N PHE A 276 3.51 -6.27 14.97
CA PHE A 276 3.69 -7.51 14.24
C PHE A 276 3.41 -7.32 12.76
N GLU A 277 2.41 -6.49 12.42
CA GLU A 277 2.06 -6.28 11.02
C GLU A 277 3.25 -5.68 10.26
N GLU A 278 4.02 -4.79 10.90
CA GLU A 278 5.22 -4.26 10.25
C GLU A 278 6.33 -5.30 10.15
N LEU A 279 6.58 -6.06 11.22
CA LEU A 279 7.62 -7.09 11.15
C LEU A 279 7.30 -8.11 10.07
N ARG A 280 6.01 -8.50 9.96
CA ARG A 280 5.58 -9.41 8.91
C ARG A 280 5.88 -8.85 7.53
N THR A 281 5.56 -7.57 7.33
CA THR A 281 5.63 -6.96 6.01
C THR A 281 7.07 -6.76 5.56
N PHE A 282 7.98 -6.46 6.49
CA PHE A 282 9.40 -6.43 6.15
C PHE A 282 9.92 -7.84 5.83
N GLY A 283 9.58 -8.83 6.64
CA GLY A 283 10.00 -10.19 6.35
C GLY A 283 11.40 -10.47 6.86
N GLY A 284 12.11 -11.36 6.16
CA GLY A 284 13.46 -11.75 6.54
C GLY A 284 13.55 -12.08 8.02
N HIS A 285 14.58 -11.57 8.68
CA HIS A 285 14.79 -11.91 10.09
C HIS A 285 13.78 -11.23 10.99
N ASP A 286 13.22 -10.07 10.58
CA ASP A 286 12.29 -9.36 11.43
C ASP A 286 11.07 -10.21 11.75
N ALA A 287 10.60 -11.00 10.79
CA ALA A 287 9.37 -11.74 11.00
C ALA A 287 9.57 -12.84 12.04
N LYS A 288 10.81 -13.21 12.33
CA LYS A 288 11.06 -14.22 13.37
C LYS A 288 10.76 -13.70 14.77
N PHE A 289 10.63 -12.38 14.97
CA PHE A 289 10.23 -11.85 16.27
C PHE A 289 8.76 -12.12 16.59
N ILE A 290 7.99 -12.59 15.63
CA ILE A 290 6.64 -13.09 15.87
C ILE A 290 6.76 -14.57 16.22
N ASP A 291 6.43 -14.93 17.45
CA ASP A 291 6.69 -16.28 17.94
C ASP A 291 5.71 -17.29 17.36
N SER A 292 6.12 -18.56 17.37
CA SER A 292 5.40 -19.61 16.66
C SER A 292 3.98 -19.78 17.19
N LEU A 293 3.80 -19.64 18.50
CA LEU A 293 2.47 -19.88 19.07
C LEU A 293 1.48 -18.82 18.61
N GLN A 294 1.88 -17.54 18.66
CA GLN A 294 0.96 -16.48 18.26
C GLN A 294 0.77 -16.43 16.75
N GLU A 295 1.81 -16.71 15.98
CA GLU A 295 1.65 -16.84 14.53
C GLU A 295 0.60 -17.87 14.19
N ASN A 296 0.62 -19.02 14.87
CA ASN A 296 -0.38 -20.05 14.64
C ASN A 296 -1.76 -19.60 15.11
N GLU A 297 -1.80 -18.86 16.22
CA GLU A 297 -3.06 -18.28 16.67
C GLU A 297 -3.69 -17.42 15.59
N PHE A 298 -2.86 -16.60 14.92
CA PHE A 298 -3.36 -15.74 13.85
C PHE A 298 -3.88 -16.56 12.67
N ARG A 299 -3.12 -17.56 12.23
CA ARG A 299 -3.53 -18.34 11.06
C ARG A 299 -4.83 -19.07 11.34
N LEU A 300 -5.02 -19.57 12.56
CA LEU A 300 -6.28 -20.23 12.89
C LEU A 300 -7.42 -19.22 12.88
N TYR A 301 -7.20 -18.06 13.50
CA TYR A 301 -8.18 -16.98 13.48
C TYR A 301 -8.63 -16.67 12.05
N TYR A 302 -7.67 -16.38 11.17
CA TYR A 302 -8.05 -16.04 9.79
C TYR A 302 -8.61 -17.23 9.05
N TYR A 303 -8.15 -18.44 9.37
CA TYR A 303 -8.76 -19.62 8.77
C TYR A 303 -10.24 -19.70 9.10
N ASN A 304 -10.59 -19.42 10.36
CA ASN A 304 -12.00 -19.41 10.74
C ASN A 304 -12.76 -18.30 10.03
N LYS A 305 -12.14 -17.13 9.86
CA LYS A 305 -12.84 -16.04 9.18
C LYS A 305 -13.18 -16.42 7.75
N PHE A 306 -12.27 -17.11 7.06
CA PHE A 306 -12.56 -17.55 5.70
C PHE A 306 -13.72 -18.54 5.69
N LYS A 307 -13.81 -19.39 6.73
CA LYS A 307 -14.94 -20.33 6.81
C LYS A 307 -16.26 -19.59 7.00
N ASP A 308 -16.27 -18.54 7.84
CA ASP A 308 -17.46 -17.70 7.96
C ASP A 308 -17.85 -17.11 6.61
N ILE A 309 -16.87 -16.71 5.80
CA ILE A 309 -17.19 -16.19 4.47
C ILE A 309 -17.77 -17.30 3.60
N ALA A 310 -17.23 -18.52 3.72
CA ALA A 310 -17.80 -19.65 2.98
C ALA A 310 -19.22 -19.94 3.44
N SER A 311 -19.46 -19.84 4.75
CA SER A 311 -20.81 -20.02 5.28
C SER A 311 -21.75 -18.95 4.74
N THR A 312 -21.31 -17.69 4.71
CA THR A 312 -22.15 -16.61 4.22
C THR A 312 -22.50 -16.80 2.74
N LEU A 313 -21.54 -17.25 1.94
CA LEU A 313 -21.81 -17.45 0.51
C LEU A 313 -22.76 -18.61 0.29
N ASN A 314 -22.60 -19.69 1.07
CA ASN A 314 -23.53 -20.80 0.99
C ASN A 314 -24.95 -20.34 1.30
N LYS A 315 -25.12 -19.55 2.36
CA LYS A 315 -26.43 -19.09 2.80
C LYS A 315 -27.05 -18.06 1.85
N ALA A 316 -26.27 -17.52 0.91
CA ALA A 316 -26.78 -16.51 0.00
C ALA A 316 -27.63 -17.16 -1.07
N LYS A 317 -28.86 -16.67 -1.23
CA LYS A 317 -29.74 -17.13 -2.29
C LYS A 317 -30.29 -16.00 -3.16
N SER A 318 -29.85 -14.76 -2.96
CA SER A 318 -30.27 -13.65 -3.80
C SER A 318 -29.11 -12.68 -3.98
N ILE A 319 -29.21 -11.89 -5.05
CA ILE A 319 -28.23 -10.88 -5.43
C ILE A 319 -28.88 -9.51 -5.27
N VAL A 320 -28.04 -8.50 -5.05
CA VAL A 320 -28.48 -7.11 -5.02
C VAL A 320 -27.71 -6.35 -6.08
N GLY A 321 -28.40 -5.53 -6.87
CA GLY A 321 -27.81 -4.83 -7.98
C GLY A 321 -28.00 -5.57 -9.30
N THR A 322 -27.74 -4.86 -10.39
CA THR A 322 -27.78 -5.41 -11.73
C THR A 322 -26.38 -5.50 -12.34
N THR A 323 -25.35 -5.43 -11.50
CA THR A 323 -23.97 -5.43 -11.96
C THR A 323 -23.43 -6.84 -12.22
N ALA A 324 -24.07 -7.88 -11.69
CA ALA A 324 -23.59 -9.25 -11.89
C ALA A 324 -24.64 -10.23 -11.39
N SER A 325 -24.52 -11.47 -11.83
CA SER A 325 -25.41 -12.51 -11.32
C SER A 325 -24.93 -13.00 -9.95
N LEU A 326 -25.82 -13.68 -9.23
CA LEU A 326 -25.49 -14.17 -7.90
C LEU A 326 -24.27 -15.08 -7.93
N GLN A 327 -24.34 -16.14 -8.72
CA GLN A 327 -23.19 -17.05 -8.73
C GLN A 327 -22.07 -16.56 -9.63
N TYR A 328 -22.22 -15.41 -10.29
CA TYR A 328 -21.03 -14.73 -10.77
C TYR A 328 -20.21 -14.19 -9.60
N MET A 329 -20.87 -13.46 -8.70
CA MET A 329 -20.21 -12.93 -7.52
C MET A 329 -19.72 -14.06 -6.62
N LYS A 330 -20.50 -15.14 -6.54
CA LYS A 330 -20.05 -16.32 -5.81
C LYS A 330 -18.76 -16.87 -6.38
N ASN A 331 -18.63 -16.90 -7.71
CA ASN A 331 -17.38 -17.37 -8.29
C ASN A 331 -16.26 -16.36 -8.11
N VAL A 332 -16.58 -15.06 -8.06
CA VAL A 332 -15.56 -14.05 -7.77
C VAL A 332 -14.91 -14.34 -6.42
N PHE A 333 -15.72 -14.62 -5.40
CA PHE A 333 -15.18 -14.82 -4.07
C PHE A 333 -14.70 -16.25 -3.87
N LYS A 334 -15.15 -17.19 -4.70
CA LYS A 334 -14.52 -18.50 -4.72
C LYS A 334 -13.07 -18.40 -5.20
N GLU A 335 -12.83 -17.56 -6.20
CA GLU A 335 -11.48 -17.40 -6.73
C GLU A 335 -10.59 -16.55 -5.81
N LYS A 336 -11.13 -15.48 -5.23
CA LYS A 336 -10.33 -14.66 -4.32
C LYS A 336 -9.78 -15.49 -3.17
N TYR A 337 -10.66 -16.21 -2.49
CA TYR A 337 -10.33 -16.93 -1.28
C TYR A 337 -9.91 -18.37 -1.54
N LEU A 338 -9.88 -18.80 -2.80
CA LEU A 338 -9.41 -20.13 -3.20
C LEU A 338 -10.23 -21.23 -2.52
N LEU A 339 -11.54 -21.04 -2.53
CA LEU A 339 -12.45 -21.96 -1.88
C LEU A 339 -12.65 -23.21 -2.73
N SER A 340 -12.93 -24.31 -2.05
CA SER A 340 -13.32 -25.54 -2.73
C SER A 340 -14.83 -25.60 -2.90
N GLU A 341 -15.26 -26.21 -4.00
CA GLU A 341 -16.67 -26.35 -4.33
C GLU A 341 -16.99 -27.83 -4.45
N ASP A 342 -18.02 -28.28 -3.73
CA ASP A 342 -18.40 -29.69 -3.78
C ASP A 342 -19.39 -29.92 -4.91
N THR A 343 -19.83 -31.18 -5.04
CA THR A 343 -20.79 -31.53 -6.08
C THR A 343 -22.13 -30.81 -5.90
N SER A 344 -22.40 -30.27 -4.71
CA SER A 344 -23.66 -29.59 -4.43
C SER A 344 -23.54 -28.07 -4.48
N GLY A 345 -22.43 -27.54 -4.98
CA GLY A 345 -22.23 -26.10 -5.01
C GLY A 345 -22.04 -25.46 -3.65
N LYS A 346 -21.76 -26.22 -2.61
CA LYS A 346 -21.47 -25.69 -1.28
C LYS A 346 -19.98 -25.39 -1.18
N PHE A 347 -19.65 -24.19 -0.69
CA PHE A 347 -18.28 -23.76 -0.59
C PHE A 347 -17.67 -24.22 0.73
N SER A 348 -16.43 -24.67 0.68
CA SER A 348 -15.69 -24.96 1.90
C SER A 348 -14.26 -24.43 1.73
N VAL A 349 -13.55 -24.34 2.84
CA VAL A 349 -12.16 -23.91 2.86
C VAL A 349 -11.30 -25.14 3.07
N ASP A 350 -10.38 -25.39 2.14
CA ASP A 350 -9.39 -26.46 2.28
C ASP A 350 -8.15 -25.91 2.97
N LYS A 351 -7.68 -26.63 4.00
CA LYS A 351 -6.57 -26.12 4.80
C LYS A 351 -5.32 -25.92 3.95
N LEU A 352 -5.02 -26.89 3.07
CA LEU A 352 -3.82 -26.77 2.25
C LEU A 352 -3.87 -25.52 1.38
N LYS A 353 -5.02 -25.24 0.77
CA LYS A 353 -5.17 -24.07 -0.09
C LYS A 353 -5.19 -22.78 0.73
N PHE A 354 -5.82 -22.81 1.91
CA PHE A 354 -5.79 -21.63 2.78
C PHE A 354 -4.36 -21.33 3.23
N ASP A 355 -3.68 -22.33 3.80
CA ASP A 355 -2.31 -22.11 4.26
C ASP A 355 -1.44 -21.53 3.16
N LYS A 356 -1.70 -21.94 1.91
CA LYS A 356 -0.90 -21.53 0.76
C LYS A 356 -1.18 -20.08 0.37
N LEU A 357 -2.45 -19.69 0.41
CA LEU A 357 -2.81 -18.31 0.10
C LEU A 357 -2.35 -17.38 1.21
N TYR A 358 -2.59 -17.77 2.46
CA TYR A 358 -2.12 -16.99 3.59
C TYR A 358 -0.61 -16.79 3.56
N LYS A 359 0.13 -17.84 3.19
CA LYS A 359 1.59 -17.75 3.20
C LYS A 359 2.08 -16.89 2.04
N MET A 360 1.44 -16.99 0.89
CA MET A 360 1.78 -16.13 -0.23
C MET A 360 1.69 -14.65 0.18
N LEU A 361 0.59 -14.27 0.83
CA LEU A 361 0.32 -12.87 1.16
C LEU A 361 1.16 -12.35 2.33
N THR A 362 1.66 -13.25 3.18
CA THR A 362 2.31 -12.86 4.42
C THR A 362 3.80 -13.18 4.46
N GLU A 363 4.24 -14.24 3.76
CA GLU A 363 5.64 -14.65 3.77
C GLU A 363 6.34 -14.45 2.43
N ILE A 364 5.63 -14.66 1.31
CA ILE A 364 6.26 -14.49 0.01
C ILE A 364 6.32 -13.01 -0.36
N TYR A 365 5.23 -12.26 -0.12
CA TYR A 365 5.20 -10.82 -0.40
C TYR A 365 5.78 -10.09 0.82
N THR A 366 7.08 -9.81 0.77
CA THR A 366 7.76 -9.08 1.83
C THR A 366 8.70 -8.06 1.21
N GLU A 367 9.00 -7.02 1.99
CA GLU A 367 10.00 -6.03 1.57
C GLU A 367 11.33 -6.70 1.28
N ASP A 368 11.76 -7.59 2.18
CA ASP A 368 13.06 -8.24 2.00
C ASP A 368 13.11 -9.04 0.70
N ASN A 369 12.02 -9.73 0.35
CA ASN A 369 12.01 -10.41 -0.94
C ASN A 369 12.04 -9.44 -2.11
N PHE A 370 11.34 -8.30 -2.01
CA PHE A 370 11.39 -7.37 -3.14
C PHE A 370 12.80 -6.85 -3.34
N VAL A 371 13.54 -6.64 -2.24
CA VAL A 371 14.93 -6.20 -2.35
C VAL A 371 15.73 -7.18 -3.20
N LYS A 372 15.53 -8.48 -2.98
CA LYS A 372 16.21 -9.49 -3.77
C LYS A 372 15.88 -9.35 -5.25
N PHE A 373 14.61 -9.09 -5.57
CA PHE A 373 14.20 -9.04 -6.97
C PHE A 373 14.69 -7.77 -7.66
N PHE A 374 14.68 -6.63 -6.95
CA PHE A 374 15.15 -5.38 -7.53
C PHE A 374 16.68 -5.29 -7.57
N LYS A 375 17.38 -6.11 -6.78
CA LYS A 375 18.84 -6.02 -6.64
C LYS A 375 19.27 -4.60 -6.23
N VAL A 376 18.63 -4.08 -5.20
CA VAL A 376 18.99 -2.77 -4.65
C VAL A 376 19.61 -2.95 -3.27
N LEU A 377 20.28 -1.90 -2.83
CA LEU A 377 20.64 -1.78 -1.42
C LEU A 377 19.45 -1.23 -0.65
N ASN A 378 19.29 -1.72 0.58
CA ASN A 378 18.10 -1.40 1.37
C ASN A 378 18.45 -1.57 2.83
N ARG A 379 17.66 -0.95 3.72
CA ARG A 379 17.78 -1.25 5.15
C ARG A 379 17.67 -2.76 5.34
N LYS A 380 18.44 -3.29 6.30
CA LYS A 380 18.46 -4.71 6.58
C LYS A 380 17.38 -5.13 7.56
N THR A 381 16.74 -4.18 8.24
CA THR A 381 15.72 -4.44 9.23
C THR A 381 14.79 -3.23 9.30
N TYR A 382 13.57 -3.47 9.75
CA TYR A 382 12.65 -2.40 10.09
C TYR A 382 13.06 -1.72 11.41
N LEU A 383 13.88 -2.39 12.20
CA LEU A 383 14.24 -1.90 13.53
C LEU A 383 15.50 -1.05 13.44
N ASN A 384 15.40 0.02 12.66
CA ASN A 384 16.52 0.94 12.50
C ASN A 384 16.06 2.35 12.86
N PHE A 385 16.82 3.35 12.43
CA PHE A 385 16.54 4.75 12.70
C PHE A 385 16.64 5.55 11.40
N ASP A 386 15.63 6.38 11.13
CA ASP A 386 15.65 7.20 9.93
C ASP A 386 16.81 8.18 9.98
N LYS A 387 17.43 8.40 8.81
CA LYS A 387 18.58 9.28 8.71
C LYS A 387 18.26 10.62 8.05
N ALA A 388 17.51 10.62 6.94
CA ALA A 388 17.38 11.82 6.15
C ALA A 388 16.24 11.62 5.15
N VAL A 389 15.71 12.73 4.65
CA VAL A 389 14.74 12.69 3.56
C VAL A 389 15.30 13.52 2.40
N PHE A 390 15.24 12.94 1.19
CA PHE A 390 15.71 13.56 -0.04
C PHE A 390 14.55 13.87 -0.99
N LYS A 391 14.71 14.97 -1.72
CA LYS A 391 13.91 15.25 -2.89
C LYS A 391 14.53 14.56 -4.08
N ILE A 392 13.68 13.97 -4.93
CA ILE A 392 14.14 13.20 -6.08
C ILE A 392 13.21 13.45 -7.25
N ASN A 393 13.67 13.07 -8.45
CA ASN A 393 12.82 13.07 -9.64
C ASN A 393 13.13 11.82 -10.47
N ILE A 394 12.25 10.81 -10.36
CA ILE A 394 12.45 9.55 -11.08
C ILE A 394 11.81 9.52 -12.45
N VAL A 395 11.05 10.54 -12.82
CA VAL A 395 10.37 10.56 -14.11
C VAL A 395 11.34 10.49 -15.29
N PRO A 396 12.42 11.29 -15.35
CA PRO A 396 13.32 11.22 -16.50
C PRO A 396 14.10 9.92 -16.54
N LYS A 397 14.20 9.32 -17.73
CA LYS A 397 14.89 8.03 -17.79
C LYS A 397 16.40 8.16 -17.65
N VAL A 398 16.96 9.36 -17.78
CA VAL A 398 18.36 9.55 -17.42
C VAL A 398 18.58 9.54 -15.91
N ASN A 399 17.51 9.58 -15.12
CA ASN A 399 17.61 9.52 -13.67
C ASN A 399 17.33 8.14 -13.12
N TYR A 400 16.33 7.45 -13.67
CA TYR A 400 15.74 6.28 -13.03
C TYR A 400 14.97 5.49 -14.08
N THR A 401 15.10 4.17 -14.12
CA THR A 401 14.33 3.39 -15.10
C THR A 401 13.54 2.29 -14.42
N ILE A 402 12.57 1.78 -15.18
CA ILE A 402 11.80 0.60 -14.74
C ILE A 402 12.73 -0.57 -14.39
N TYR A 403 13.75 -0.80 -15.20
CA TYR A 403 14.52 -2.02 -15.04
C TYR A 403 15.67 -1.87 -14.05
N ASP A 404 16.18 -0.66 -13.84
CA ASP A 404 17.37 -0.50 -13.03
C ASP A 404 17.19 0.42 -11.83
N GLY A 405 16.04 1.10 -11.70
CA GLY A 405 15.95 2.13 -10.68
C GLY A 405 17.02 3.16 -10.94
N PHE A 406 17.73 3.58 -9.88
CA PHE A 406 18.81 4.54 -10.00
C PHE A 406 20.10 3.95 -10.57
N ASN A 407 20.32 2.64 -10.45
CA ASN A 407 21.59 1.99 -10.80
C ASN A 407 21.64 1.66 -12.30
N LEU A 408 21.68 2.72 -13.12
CA LEU A 408 21.48 2.57 -14.56
C LEU A 408 22.57 1.72 -15.20
N ARG A 409 22.15 0.72 -15.98
CA ARG A 409 23.11 -0.15 -16.67
C ARG A 409 23.97 0.65 -17.64
N ASN A 410 25.22 0.18 -17.80
CA ASN A 410 26.17 0.75 -18.76
C ASN A 410 26.53 2.20 -18.43
N THR A 411 26.57 2.53 -17.14
CA THR A 411 27.07 3.80 -16.66
C THR A 411 27.92 3.53 -15.43
N ASN A 412 28.54 4.58 -14.90
CA ASN A 412 29.24 4.47 -13.62
C ASN A 412 28.30 4.17 -12.47
N LEU A 413 26.99 4.23 -12.69
CA LEU A 413 26.02 3.98 -11.64
C LEU A 413 25.54 2.54 -11.58
N ALA A 414 25.97 1.69 -12.52
CA ALA A 414 25.46 0.32 -12.59
C ALA A 414 25.97 -0.54 -11.45
N ALA A 415 27.24 -0.38 -11.06
CA ALA A 415 27.88 -1.29 -10.13
C ALA A 415 27.83 -0.75 -8.70
N ASN A 416 27.86 -1.66 -7.73
CA ASN A 416 28.06 -1.31 -6.32
C ASN A 416 26.95 -0.39 -5.80
N PHE A 417 25.77 -0.46 -6.42
CA PHE A 417 24.64 0.40 -6.07
C PHE A 417 25.01 1.87 -6.10
N ASN A 418 25.92 2.24 -7.02
CA ASN A 418 26.41 3.61 -7.09
C ASN A 418 25.30 4.59 -7.40
N GLY A 419 24.24 4.14 -8.07
CA GLY A 419 23.12 5.03 -8.34
C GLY A 419 22.39 5.45 -7.07
N GLN A 420 22.35 4.57 -6.06
CA GLN A 420 21.71 4.89 -4.79
C GLN A 420 22.64 5.60 -3.83
N ASN A 421 23.92 5.69 -4.18
CA ASN A 421 24.96 6.35 -3.39
C ASN A 421 24.78 7.84 -3.59
N THR A 422 24.18 8.53 -2.60
CA THR A 422 23.86 9.94 -2.81
C THR A 422 25.09 10.82 -2.88
N GLU A 423 26.25 10.30 -2.47
CA GLU A 423 27.48 11.07 -2.64
C GLU A 423 28.02 10.92 -4.07
N ILE A 424 27.93 9.72 -4.65
CA ILE A 424 28.35 9.55 -6.03
C ILE A 424 27.32 10.14 -6.98
N ASN A 425 26.06 9.74 -6.84
CA ASN A 425 24.95 10.20 -7.69
C ASN A 425 24.30 11.44 -7.10
N ASN A 426 25.08 12.47 -6.78
CA ASN A 426 24.54 13.55 -5.95
C ASN A 426 23.53 14.41 -6.70
N MET A 427 23.65 14.55 -8.01
CA MET A 427 22.67 15.37 -8.71
C MET A 427 21.27 14.76 -8.69
N ASN A 428 21.10 13.51 -8.28
CA ASN A 428 19.76 12.94 -8.25
C ASN A 428 19.08 13.09 -6.90
N PHE A 429 19.72 13.69 -5.90
CA PHE A 429 19.18 13.75 -4.55
C PHE A 429 19.47 15.12 -3.94
N THR A 430 18.44 15.73 -3.36
CA THR A 430 18.59 16.97 -2.61
C THR A 430 18.17 16.71 -1.17
N LYS A 431 19.13 16.76 -0.25
CA LYS A 431 18.79 16.52 1.15
C LYS A 431 18.00 17.68 1.73
N LEU A 432 16.81 17.37 2.24
CA LEU A 432 15.91 18.38 2.77
C LEU A 432 15.95 18.46 4.28
N LYS A 433 16.15 17.34 4.96
CA LYS A 433 16.13 17.35 6.42
C LYS A 433 16.90 16.13 6.92
N ASN A 434 17.76 16.36 7.93
CA ASN A 434 18.44 15.28 8.63
C ASN A 434 17.62 14.89 9.85
N PHE A 435 17.63 13.59 10.17
CA PHE A 435 16.94 13.11 11.35
C PHE A 435 17.89 12.62 12.45
N THR A 436 19.13 12.30 12.10
CA THR A 436 20.05 11.77 13.09
C THR A 436 20.36 12.81 14.17
N GLY A 437 20.30 12.39 15.43
CA GLY A 437 20.46 13.24 16.58
C GLY A 437 19.14 13.72 17.17
N LEU A 438 18.11 13.84 16.34
CA LEU A 438 16.81 14.36 16.79
C LEU A 438 16.07 13.40 17.70
N PHE A 439 16.54 12.16 17.84
CA PHE A 439 15.86 11.17 18.67
C PHE A 439 16.23 11.35 20.14
ZN ZN B . 4.78 -0.64 6.96
C02 UZV C . 4.16 1.98 6.93
C05 UZV C . 3.13 3.10 7.05
C06 UZV C . 2.07 2.84 8.14
C07 UZV C . 1.00 1.88 7.60
C08 UZV C . 0.82 2.11 6.11
N03 UZV C . 5.41 2.11 7.62
O01 UZV C . 3.94 1.01 6.29
O04 UZV C . 6.32 1.06 7.50
S09 UZV C . 0.22 0.61 5.29
#